data_2P0J
#
_entry.id   2P0J
#
_cell.length_a   86.570
_cell.length_b   118.990
_cell.length_c   102.240
_cell.angle_alpha   90.00
_cell.angle_beta   90.00
_cell.angle_gamma   90.00
#
_symmetry.space_group_name_H-M   'C 2 2 21'
#
loop_
_entity.id
_entity.type
_entity.pdbx_description
1 polymer "5'-D(*AP*TP*GP*AP*AP*TP*CP*CP*AP*TP*A)-3'"
2 polymer "5'-D(*TP*AP*TP*GP*GP*AP*TP*TP*CP*AP*T)-3'"
3 polymer BstYI
4 water water
#
loop_
_entity_poly.entity_id
_entity_poly.type
_entity_poly.pdbx_seq_one_letter_code
_entity_poly.pdbx_strand_id
1 'polydeoxyribonucleotide' (DA)(DT)(DG)(DA)(DA)(DT)(DC)(DC)(DA)(DT)(DA) C
2 'polydeoxyribonucleotide' (DT)(DA)(DT)(DG)(DG)(DA)(DT)(DT)(DC)(DA)(DT) D
3 'polypeptide(L)'
;MRIVEVYSHLNGLEYIQVHLPHIWEEIQEIIVSIDAEACRTKESKEKTKQGQILYSPVALNEAFKEKLEAKGWKESRTNY
YVTADPKLIRETLSLEPEEQKKVIEAAGKEALKSYNQTDFVKDRVAIEVQFGKYSFVAYDLFVKHMAFYVSDKIDVGVEI
LPMKELSKEMSSGISYYEGELYNVIRQGRGVPAVPLVLIGIAP
;
A,B
#
# COMPACT_ATOMS: atom_id res chain seq x y z
N MET C 1 -6.73 -2.11 -26.46
CA MET C 1 -5.92 -3.06 -25.64
C MET C 1 -6.78 -4.28 -25.28
N ARG C 2 -6.17 -5.30 -24.71
CA ARG C 2 -6.88 -6.52 -24.34
C ARG C 2 -7.02 -6.70 -22.84
N ILE C 3 -8.13 -7.28 -22.41
CA ILE C 3 -8.35 -7.57 -21.01
C ILE C 3 -7.88 -9.03 -20.93
N VAL C 4 -6.80 -9.27 -20.21
CA VAL C 4 -6.25 -10.62 -20.10
C VAL C 4 -6.76 -11.38 -18.89
N GLU C 5 -6.81 -10.71 -17.75
CA GLU C 5 -7.29 -11.33 -16.51
C GLU C 5 -8.23 -10.39 -15.78
N VAL C 6 -9.17 -10.97 -15.06
CA VAL C 6 -10.12 -10.20 -14.26
C VAL C 6 -10.34 -10.94 -12.96
N TYR C 7 -10.17 -10.26 -11.84
CA TYR C 7 -10.39 -10.89 -10.54
C TYR C 7 -11.50 -10.14 -9.81
N SER C 8 -12.52 -10.87 -9.39
CA SER C 8 -13.65 -10.26 -8.68
C SER C 8 -13.43 -10.46 -7.19
N HIS C 9 -13.14 -9.38 -6.48
CA HIS C 9 -12.91 -9.45 -5.05
C HIS C 9 -14.20 -9.14 -4.29
N LEU C 10 -14.59 -10.04 -3.38
CA LEU C 10 -15.83 -9.89 -2.62
C LEU C 10 -17.00 -9.77 -3.61
N ASN C 11 -16.87 -10.45 -4.74
CA ASN C 11 -17.87 -10.47 -5.79
C ASN C 11 -18.24 -9.06 -6.26
N GLY C 12 -17.24 -8.18 -6.31
CA GLY C 12 -17.47 -6.82 -6.75
C GLY C 12 -17.90 -6.74 -8.21
N LEU C 13 -17.45 -7.70 -9.02
CA LEU C 13 -17.82 -7.71 -10.43
C LEU C 13 -19.30 -8.08 -10.57
N GLU C 14 -19.73 -9.08 -9.81
CA GLU C 14 -21.12 -9.49 -9.85
C GLU C 14 -22.02 -8.36 -9.36
N TYR C 15 -21.56 -7.60 -8.36
CA TYR C 15 -22.34 -6.49 -7.85
C TYR C 15 -22.55 -5.47 -8.97
N ILE C 16 -21.50 -5.18 -9.74
CA ILE C 16 -21.62 -4.22 -10.82
C ILE C 16 -22.52 -4.79 -11.93
N GLN C 17 -22.32 -6.05 -12.29
CA GLN C 17 -23.13 -6.66 -13.34
C GLN C 17 -24.61 -6.65 -12.99
N VAL C 18 -24.93 -6.74 -11.71
CA VAL C 18 -26.32 -6.73 -11.28
C VAL C 18 -26.88 -5.33 -11.12
N HIS C 19 -26.16 -4.47 -10.42
CA HIS C 19 -26.64 -3.11 -10.17
C HIS C 19 -26.23 -2.01 -11.16
N LEU C 20 -25.01 -2.11 -11.72
CA LEU C 20 -24.53 -1.10 -12.67
C LEU C 20 -23.97 -1.76 -13.93
N PRO C 21 -24.77 -2.60 -14.60
CA PRO C 21 -24.34 -3.29 -15.82
C PRO C 21 -23.70 -2.41 -16.90
N HIS C 22 -24.14 -1.16 -16.99
CA HIS C 22 -23.60 -0.24 -17.99
C HIS C 22 -22.14 0.12 -17.69
N ILE C 23 -21.78 0.11 -16.41
CA ILE C 23 -20.42 0.42 -15.99
C ILE C 23 -19.43 -0.64 -16.47
N TRP C 24 -19.81 -1.91 -16.36
CA TRP C 24 -18.94 -3.01 -16.80
C TRP C 24 -18.78 -2.99 -18.31
N GLU C 25 -19.87 -2.69 -19.01
CA GLU C 25 -19.83 -2.63 -20.47
C GLU C 25 -18.90 -1.50 -20.88
N GLU C 26 -19.03 -0.38 -20.19
CA GLU C 26 -18.22 0.79 -20.48
C GLU C 26 -16.73 0.60 -20.19
N ILE C 27 -16.41 -0.06 -19.08
CA ILE C 27 -15.01 -0.28 -18.75
C ILE C 27 -14.33 -1.15 -19.80
N GLN C 28 -15.00 -2.21 -20.20
CA GLN C 28 -14.45 -3.10 -21.21
C GLN C 28 -14.28 -2.36 -22.54
N GLU C 29 -15.26 -1.54 -22.89
CA GLU C 29 -15.21 -0.77 -24.12
C GLU C 29 -14.04 0.21 -24.12
N ILE C 30 -13.84 0.89 -22.99
CA ILE C 30 -12.75 1.85 -22.87
C ILE C 30 -11.39 1.16 -23.08
N ILE C 31 -11.19 0.01 -22.45
CA ILE C 31 -9.94 -0.73 -22.58
C ILE C 31 -9.72 -1.22 -24.01
N VAL C 32 -10.77 -1.75 -24.63
CA VAL C 32 -10.67 -2.25 -25.99
C VAL C 32 -10.35 -1.13 -26.99
N SER C 33 -10.78 0.10 -26.67
CA SER C 33 -10.57 1.25 -27.54
C SER C 33 -9.17 1.88 -27.45
N ILE C 34 -8.39 1.52 -26.42
CA ILE C 34 -7.06 2.10 -26.26
C ILE C 34 -6.06 1.46 -27.23
N ASP C 35 -5.36 2.29 -28.00
CA ASP C 35 -4.36 1.81 -28.96
C ASP C 35 -3.00 1.86 -28.26
N ALA C 36 -2.58 0.73 -27.69
CA ALA C 36 -1.31 0.67 -26.98
C ALA C 36 -0.12 1.09 -27.87
N GLU C 37 -0.19 0.75 -29.15
CA GLU C 37 0.87 1.08 -30.09
C GLU C 37 1.23 2.56 -30.09
N ALA C 38 0.20 3.40 -30.08
CA ALA C 38 0.42 4.84 -30.09
C ALA C 38 1.08 5.36 -28.82
N CYS C 39 1.11 4.53 -27.78
CA CYS C 39 1.72 4.91 -26.51
C CYS C 39 3.14 4.37 -26.35
N ARG C 40 3.59 3.60 -27.34
CA ARG C 40 4.92 3.02 -27.30
C ARG C 40 5.88 4.07 -27.86
N THR C 41 6.24 5.04 -27.02
CA THR C 41 7.10 6.12 -27.47
C THR C 41 8.17 6.55 -26.47
N LYS C 42 8.36 5.76 -25.42
CA LYS C 42 9.36 6.08 -24.41
C LYS C 42 10.70 5.41 -24.70
N GLU C 43 11.69 6.22 -25.08
CA GLU C 43 13.01 5.69 -25.38
C GLU C 43 13.76 5.49 -24.06
N SER C 44 14.01 4.24 -23.72
CA SER C 44 14.69 3.91 -22.48
C SER C 44 16.11 4.43 -22.39
N LYS C 45 16.49 4.89 -21.19
CA LYS C 45 17.82 5.39 -20.93
C LYS C 45 18.49 4.48 -19.92
N GLU C 46 17.78 3.41 -19.55
CA GLU C 46 18.31 2.43 -18.59
C GLU C 46 19.44 1.66 -19.26
N LYS C 47 20.51 1.42 -18.52
CA LYS C 47 21.67 0.71 -19.07
C LYS C 47 21.29 -0.69 -19.57
N THR C 48 20.40 -1.36 -18.85
CA THR C 48 19.98 -2.71 -19.23
C THR C 48 19.00 -2.74 -20.41
N LYS C 49 18.51 -1.57 -20.84
CA LYS C 49 17.56 -1.50 -21.95
C LYS C 49 17.85 -0.30 -22.85
N GLN C 50 19.10 0.16 -22.82
CA GLN C 50 19.47 1.34 -23.59
C GLN C 50 19.04 1.39 -25.04
N GLY C 51 18.16 2.34 -25.35
CA GLY C 51 17.68 2.50 -26.71
C GLY C 51 16.31 1.93 -27.03
N GLN C 52 15.89 0.90 -26.32
CA GLN C 52 14.59 0.29 -26.58
C GLN C 52 13.46 1.31 -26.50
N ILE C 53 12.47 1.16 -27.36
CA ILE C 53 11.31 2.05 -27.37
C ILE C 53 10.25 1.31 -26.56
N LEU C 54 9.93 1.82 -25.37
CA LEU C 54 8.96 1.17 -24.49
C LEU C 54 7.60 1.85 -24.45
N TYR C 55 6.61 1.18 -23.84
CA TYR C 55 5.29 1.79 -23.72
C TYR C 55 5.42 2.88 -22.66
N SER C 56 4.93 4.07 -22.97
CA SER C 56 5.02 5.19 -22.05
C SER C 56 3.90 5.23 -21.02
N PRO C 57 4.26 5.28 -19.72
CA PRO C 57 3.20 5.33 -18.71
C PRO C 57 2.42 6.65 -18.86
N VAL C 58 3.14 7.73 -19.17
CA VAL C 58 2.48 9.04 -19.35
C VAL C 58 1.47 8.98 -20.49
N ALA C 59 1.88 8.40 -21.62
CA ALA C 59 0.99 8.29 -22.77
C ALA C 59 -0.19 7.39 -22.45
N LEU C 60 0.09 6.27 -21.80
CA LEU C 60 -0.98 5.34 -21.44
C LEU C 60 -1.95 6.04 -20.50
N ASN C 61 -1.42 6.77 -19.51
CA ASN C 61 -2.28 7.46 -18.56
C ASN C 61 -3.17 8.48 -19.28
N GLU C 62 -2.61 9.18 -20.25
CA GLU C 62 -3.37 10.17 -21.02
C GLU C 62 -4.45 9.49 -21.85
N ALA C 63 -4.12 8.36 -22.47
CA ALA C 63 -5.08 7.65 -23.29
C ALA C 63 -6.30 7.21 -22.48
N PHE C 64 -6.06 6.69 -21.27
CA PHE C 64 -7.18 6.26 -20.43
C PHE C 64 -7.97 7.48 -19.96
N LYS C 65 -7.26 8.54 -19.57
CA LYS C 65 -7.91 9.76 -19.08
C LYS C 65 -8.87 10.31 -20.13
N GLU C 66 -8.40 10.36 -21.37
CA GLU C 66 -9.19 10.87 -22.48
C GLU C 66 -10.49 10.07 -22.62
N LYS C 67 -10.36 8.74 -22.64
CA LYS C 67 -11.53 7.87 -22.80
C LYS C 67 -12.49 7.94 -21.61
N LEU C 68 -11.94 7.97 -20.40
CA LEU C 68 -12.80 8.01 -19.21
C LEU C 68 -13.57 9.31 -19.04
N GLU C 69 -12.88 10.44 -19.15
CA GLU C 69 -13.55 11.71 -19.00
C GLU C 69 -14.56 11.89 -20.12
N ALA C 70 -14.25 11.32 -21.28
CA ALA C 70 -15.17 11.40 -22.41
C ALA C 70 -16.46 10.66 -22.09
N LYS C 71 -16.37 9.65 -21.23
CA LYS C 71 -17.54 8.88 -20.85
C LYS C 71 -18.19 9.40 -19.58
N GLY C 72 -17.77 10.59 -19.15
CA GLY C 72 -18.36 11.17 -17.96
C GLY C 72 -17.77 10.78 -16.62
N TRP C 73 -16.58 10.17 -16.60
CA TRP C 73 -15.95 9.82 -15.34
C TRP C 73 -15.29 11.09 -14.82
N LYS C 74 -15.53 11.43 -13.56
CA LYS C 74 -14.98 12.67 -13.00
C LYS C 74 -14.27 12.54 -11.67
N GLU C 75 -13.44 13.54 -11.39
CA GLU C 75 -12.67 13.61 -10.15
C GLU C 75 -13.58 13.66 -8.94
N SER C 76 -13.16 13.03 -7.87
CA SER C 76 -13.93 12.99 -6.64
C SER C 76 -12.97 13.09 -5.45
N ARG C 77 -13.43 13.73 -4.39
CA ARG C 77 -12.60 13.88 -3.20
C ARG C 77 -13.41 13.60 -1.95
N THR C 78 -12.79 12.94 -0.99
CA THR C 78 -13.47 12.62 0.26
C THR C 78 -12.61 13.15 1.43
N ASN C 79 -13.24 13.92 2.30
CA ASN C 79 -12.52 14.50 3.44
C ASN C 79 -12.82 13.76 4.74
N TYR C 80 -11.88 13.84 5.68
CA TYR C 80 -12.03 13.20 6.98
C TYR C 80 -10.96 13.70 7.94
N TYR C 81 -11.24 13.60 9.24
CA TYR C 81 -10.31 14.04 10.26
C TYR C 81 -9.69 12.85 10.99
N VAL C 82 -8.37 12.86 11.08
CA VAL C 82 -7.67 11.78 11.76
C VAL C 82 -7.19 12.26 13.12
N THR C 83 -6.87 11.32 13.99
CA THR C 83 -6.41 11.65 15.34
C THR C 83 -5.57 10.48 15.87
N ALA C 84 -4.83 10.72 16.95
CA ALA C 84 -3.98 9.67 17.51
C ALA C 84 -4.72 8.65 18.37
N ASP C 85 -5.91 9.00 18.83
CA ASP C 85 -6.73 8.13 19.70
C ASP C 85 -7.49 7.06 18.91
N PRO C 86 -7.12 5.78 19.10
CA PRO C 86 -7.80 4.69 18.39
C PRO C 86 -9.31 4.64 18.62
N LYS C 87 -9.74 4.84 19.86
CA LYS C 87 -11.17 4.82 20.17
C LYS C 87 -11.93 5.93 19.45
N LEU C 88 -11.40 7.15 19.50
CA LEU C 88 -12.05 8.26 18.83
C LEU C 88 -12.11 7.99 17.33
N ILE C 89 -11.11 7.30 16.80
CA ILE C 89 -11.08 6.97 15.39
C ILE C 89 -12.27 6.06 15.06
N ARG C 90 -12.38 4.96 15.79
CA ARG C 90 -13.46 4.01 15.57
C ARG C 90 -14.83 4.66 15.72
N GLU C 91 -14.93 5.65 16.60
CA GLU C 91 -16.18 6.33 16.83
C GLU C 91 -16.60 7.23 15.68
N THR C 92 -15.65 8.01 15.16
CA THR C 92 -15.93 8.95 14.07
C THR C 92 -15.71 8.45 12.65
N LEU C 93 -15.21 7.23 12.52
CA LEU C 93 -14.93 6.66 11.21
C LEU C 93 -16.01 6.84 10.14
N SER C 94 -17.27 6.58 10.48
CA SER C 94 -18.35 6.71 9.51
C SER C 94 -19.14 8.02 9.58
N LEU C 95 -18.73 8.95 10.44
CA LEU C 95 -19.44 10.22 10.57
C LEU C 95 -19.05 11.18 9.45
N GLU C 96 -19.75 12.30 9.35
CA GLU C 96 -19.47 13.29 8.33
C GLU C 96 -18.29 14.15 8.78
N PRO C 97 -17.48 14.64 7.83
CA PRO C 97 -16.30 15.46 8.13
C PRO C 97 -16.48 16.41 9.31
N GLU C 98 -17.53 17.22 9.24
CA GLU C 98 -17.82 18.20 10.29
C GLU C 98 -18.01 17.56 11.66
N GLU C 99 -18.79 16.49 11.73
CA GLU C 99 -19.03 15.86 13.02
C GLU C 99 -17.79 15.13 13.55
N GLN C 100 -16.97 14.59 12.65
CA GLN C 100 -15.75 13.90 13.09
C GLN C 100 -14.93 14.90 13.88
N LYS C 101 -14.73 16.08 13.29
CA LYS C 101 -13.95 17.14 13.92
C LYS C 101 -14.56 17.54 15.27
N LYS C 102 -15.87 17.76 15.28
CA LYS C 102 -16.58 18.13 16.48
C LYS C 102 -16.35 17.13 17.60
N VAL C 103 -16.60 15.86 17.30
CA VAL C 103 -16.42 14.79 18.29
C VAL C 103 -15.00 14.69 18.85
N ILE C 104 -14.01 14.68 17.96
CA ILE C 104 -12.61 14.59 18.38
C ILE C 104 -12.21 15.78 19.26
N GLU C 105 -12.49 17.00 18.78
CA GLU C 105 -12.14 18.20 19.54
C GLU C 105 -12.95 18.30 20.83
N ALA C 106 -14.14 17.69 20.85
CA ALA C 106 -14.97 17.73 22.04
C ALA C 106 -14.31 16.91 23.15
N ALA C 107 -13.49 15.94 22.75
CA ALA C 107 -12.81 15.10 23.72
C ALA C 107 -11.44 15.67 24.10
N GLY C 108 -11.16 16.89 23.63
CA GLY C 108 -9.90 17.52 23.94
C GLY C 108 -8.75 16.94 23.15
N LYS C 109 -9.07 16.23 22.08
CA LYS C 109 -8.05 15.62 21.23
C LYS C 109 -7.93 16.39 19.91
N GLU C 110 -6.71 16.48 19.40
CA GLU C 110 -6.46 17.19 18.16
C GLU C 110 -6.99 16.45 16.93
N ALA C 111 -7.73 17.17 16.10
CA ALA C 111 -8.30 16.60 14.88
C ALA C 111 -7.50 17.12 13.70
N LEU C 112 -6.91 16.20 12.94
CA LEU C 112 -6.11 16.57 11.78
C LEU C 112 -6.89 16.28 10.51
N LYS C 113 -7.12 17.31 9.71
CA LYS C 113 -7.86 17.13 8.48
C LYS C 113 -7.00 16.49 7.40
N SER C 114 -7.60 15.56 6.67
CA SER C 114 -6.90 14.86 5.59
C SER C 114 -7.93 14.54 4.51
N TYR C 115 -7.55 13.74 3.52
CA TYR C 115 -8.47 13.40 2.44
C TYR C 115 -7.86 12.41 1.46
N ASN C 116 -8.66 12.07 0.45
CA ASN C 116 -8.24 11.19 -0.65
C ASN C 116 -9.04 11.67 -1.84
N GLN C 117 -8.38 11.72 -2.99
CA GLN C 117 -9.00 12.19 -4.22
C GLN C 117 -8.59 11.30 -5.37
N THR C 118 -9.54 10.98 -6.24
CA THR C 118 -9.28 10.14 -7.39
C THR C 118 -9.91 10.77 -8.63
N ASP C 119 -9.21 10.64 -9.75
CA ASP C 119 -9.64 11.21 -11.03
C ASP C 119 -10.89 10.63 -11.66
N PHE C 120 -11.12 9.33 -11.48
CA PHE C 120 -12.24 8.67 -12.13
C PHE C 120 -13.29 8.02 -11.25
N VAL C 121 -14.40 8.72 -11.07
CA VAL C 121 -15.52 8.24 -10.29
C VAL C 121 -16.82 8.51 -11.02
N LYS C 122 -17.65 7.48 -11.12
CA LYS C 122 -18.93 7.58 -11.80
C LYS C 122 -19.88 6.52 -11.23
N ASP C 123 -21.13 6.93 -11.00
CA ASP C 123 -22.15 6.03 -10.46
C ASP C 123 -21.69 5.17 -9.27
N ARG C 124 -21.02 5.80 -8.31
CA ARG C 124 -20.52 5.14 -7.11
C ARG C 124 -19.51 4.03 -7.40
N VAL C 125 -18.70 4.24 -8.43
CA VAL C 125 -17.66 3.30 -8.80
C VAL C 125 -16.40 4.13 -9.04
N ALA C 126 -15.29 3.67 -8.48
CA ALA C 126 -14.02 4.36 -8.66
C ALA C 126 -13.06 3.48 -9.43
N ILE C 127 -12.39 4.06 -10.42
CA ILE C 127 -11.42 3.33 -11.22
C ILE C 127 -10.04 3.95 -11.09
N GLU C 128 -9.04 3.11 -10.85
CA GLU C 128 -7.66 3.57 -10.76
C GLU C 128 -6.87 2.83 -11.83
N VAL C 129 -6.09 3.57 -12.62
CA VAL C 129 -5.26 2.98 -13.66
C VAL C 129 -3.83 3.23 -13.21
N GLN C 130 -3.08 2.15 -13.01
CA GLN C 130 -1.72 2.28 -12.51
C GLN C 130 -0.59 1.64 -13.30
N PHE C 131 0.35 2.49 -13.71
CA PHE C 131 1.53 2.06 -14.45
C PHE C 131 2.71 2.71 -13.71
N GLY C 132 2.98 2.26 -12.49
CA GLY C 132 4.06 2.83 -11.70
C GLY C 132 4.58 1.94 -10.58
N LYS C 133 5.15 2.55 -9.54
CA LYS C 133 5.72 1.81 -8.42
C LYS C 133 4.70 0.93 -7.67
N TYR C 134 5.20 -0.13 -7.07
CA TYR C 134 4.37 -1.08 -6.33
C TYR C 134 3.61 -0.44 -5.18
N SER C 135 4.25 0.48 -4.47
CA SER C 135 3.61 1.10 -3.31
C SER C 135 2.29 1.81 -3.61
N PHE C 136 2.16 2.41 -4.78
CA PHE C 136 0.94 3.13 -5.11
C PHE C 136 -0.28 2.23 -5.28
N VAL C 137 -0.05 0.98 -5.65
CA VAL C 137 -1.17 0.05 -5.81
C VAL C 137 -1.69 -0.31 -4.42
N ALA C 138 -0.78 -0.55 -3.46
CA ALA C 138 -1.20 -0.88 -2.10
C ALA C 138 -1.96 0.31 -1.52
N TYR C 139 -1.49 1.52 -1.80
CA TYR C 139 -2.15 2.72 -1.32
C TYR C 139 -3.56 2.83 -1.91
N ASP C 140 -3.69 2.54 -3.20
CA ASP C 140 -4.99 2.60 -3.88
C ASP C 140 -5.98 1.62 -3.25
N LEU C 141 -5.55 0.37 -3.12
CA LEU C 141 -6.40 -0.69 -2.61
C LEU C 141 -6.78 -0.60 -1.14
N PHE C 142 -5.80 -0.41 -0.27
CA PHE C 142 -6.08 -0.35 1.16
C PHE C 142 -6.37 1.00 1.76
N VAL C 143 -6.11 2.07 1.02
CA VAL C 143 -6.39 3.41 1.55
C VAL C 143 -7.40 4.21 0.72
N LYS C 144 -7.12 4.46 -0.55
CA LYS C 144 -8.03 5.24 -1.39
C LYS C 144 -9.41 4.62 -1.62
N HIS C 145 -9.46 3.40 -2.17
CA HIS C 145 -10.75 2.75 -2.42
C HIS C 145 -11.50 2.57 -1.10
N MET C 146 -10.76 2.24 -0.05
CA MET C 146 -11.34 2.05 1.28
C MET C 146 -11.90 3.35 1.85
N ALA C 147 -11.16 4.43 1.67
CA ALA C 147 -11.62 5.72 2.17
C ALA C 147 -12.95 6.10 1.51
N PHE C 148 -13.08 5.87 0.21
CA PHE C 148 -14.32 6.19 -0.50
C PHE C 148 -15.45 5.24 -0.13
N TYR C 149 -15.10 4.00 0.17
CA TYR C 149 -16.09 3.00 0.54
C TYR C 149 -16.66 3.29 1.94
N VAL C 150 -15.76 3.53 2.89
CA VAL C 150 -16.15 3.81 4.27
C VAL C 150 -16.93 5.13 4.38
N SER C 151 -16.56 6.12 3.58
CA SER C 151 -17.25 7.41 3.60
C SER C 151 -18.51 7.36 2.74
N ASP C 152 -18.93 6.15 2.38
CA ASP C 152 -20.12 5.93 1.57
C ASP C 152 -20.15 6.75 0.27
N LYS C 153 -19.10 6.63 -0.53
CA LYS C 153 -19.01 7.34 -1.80
C LYS C 153 -19.05 6.37 -2.98
N ILE C 154 -18.54 5.16 -2.77
CA ILE C 154 -18.54 4.14 -3.82
C ILE C 154 -18.96 2.80 -3.23
N ASP C 155 -19.44 1.91 -4.09
CA ASP C 155 -19.85 0.58 -3.66
C ASP C 155 -18.84 -0.47 -4.11
N VAL C 156 -18.05 -0.15 -5.12
CA VAL C 156 -17.04 -1.07 -5.65
C VAL C 156 -15.86 -0.28 -6.19
N GLY C 157 -14.67 -0.85 -6.08
CA GLY C 157 -13.48 -0.20 -6.59
C GLY C 157 -12.92 -1.01 -7.74
N VAL C 158 -12.24 -0.35 -8.67
CA VAL C 158 -11.68 -1.04 -9.83
C VAL C 158 -10.22 -0.63 -9.99
N GLU C 159 -9.35 -1.61 -10.17
CA GLU C 159 -7.93 -1.33 -10.34
C GLU C 159 -7.43 -1.94 -11.64
N ILE C 160 -6.97 -1.09 -12.55
CA ILE C 160 -6.48 -1.54 -13.85
C ILE C 160 -4.96 -1.54 -13.83
N LEU C 161 -4.38 -2.70 -14.13
CA LEU C 161 -2.94 -2.86 -14.11
C LEU C 161 -2.41 -3.59 -15.33
N PRO C 162 -1.11 -3.40 -15.63
CA PRO C 162 -0.53 -4.08 -16.79
C PRO C 162 -0.12 -5.50 -16.40
N MET C 163 -0.36 -6.45 -17.28
CA MET C 163 0.04 -7.83 -17.04
C MET C 163 1.57 -7.76 -17.08
N LYS C 164 2.23 -8.79 -16.57
CA LYS C 164 3.68 -8.85 -16.59
C LYS C 164 4.17 -8.76 -18.03
N GLU C 165 3.42 -9.35 -18.95
CA GLU C 165 3.80 -9.34 -20.35
C GLU C 165 3.92 -7.91 -20.85
N LEU C 166 3.17 -6.99 -20.25
CA LEU C 166 3.24 -5.59 -20.64
C LEU C 166 4.27 -4.82 -19.82
N SER C 167 4.34 -5.11 -18.52
CA SER C 167 5.29 -4.39 -17.67
C SER C 167 6.71 -4.65 -18.08
N LYS C 168 6.99 -5.82 -18.64
CA LYS C 168 8.34 -6.11 -19.06
C LYS C 168 8.71 -5.36 -20.34
N GLU C 169 7.73 -4.62 -20.89
CA GLU C 169 7.98 -3.82 -22.07
C GLU C 169 7.88 -2.35 -21.69
N MET C 170 8.10 -2.07 -20.41
CA MET C 170 8.05 -0.71 -19.86
C MET C 170 9.29 -0.57 -18.96
N SER C 171 9.57 0.63 -18.47
CA SER C 171 10.73 0.82 -17.60
C SER C 171 10.64 -0.19 -16.46
N SER C 172 11.80 -0.66 -15.98
CA SER C 172 11.82 -1.64 -14.90
C SER C 172 11.28 -1.09 -13.56
N GLY C 173 10.84 -2.01 -12.69
CA GLY C 173 10.32 -1.63 -11.39
C GLY C 173 8.86 -1.19 -11.34
N ILE C 174 8.08 -1.59 -12.34
CA ILE C 174 6.67 -1.23 -12.41
C ILE C 174 5.77 -2.39 -11.92
N SER C 175 4.74 -2.08 -11.14
CA SER C 175 3.86 -3.13 -10.62
C SER C 175 3.04 -3.75 -11.73
N TYR C 176 2.77 -5.04 -11.61
CA TYR C 176 2.02 -5.78 -12.61
C TYR C 176 0.92 -6.62 -11.97
N TYR C 177 -0.10 -6.94 -12.75
CA TYR C 177 -1.26 -7.72 -12.31
C TYR C 177 -0.96 -8.93 -11.43
N GLU C 178 -0.18 -9.87 -11.94
CA GLU C 178 0.12 -11.08 -11.17
C GLU C 178 0.65 -10.78 -9.77
N GLY C 179 1.58 -9.83 -9.69
CA GLY C 179 2.15 -9.48 -8.40
C GLY C 179 1.15 -8.84 -7.45
N GLU C 180 0.30 -7.96 -7.98
CA GLU C 180 -0.68 -7.28 -7.14
C GLU C 180 -1.85 -8.18 -6.75
N LEU C 181 -2.21 -9.09 -7.63
CA LEU C 181 -3.27 -10.04 -7.34
C LEU C 181 -2.81 -10.85 -6.13
N TYR C 182 -1.56 -11.31 -6.18
CA TYR C 182 -0.96 -12.11 -5.11
C TYR C 182 -0.99 -11.33 -3.79
N ASN C 183 -0.66 -10.04 -3.83
CA ASN C 183 -0.67 -9.21 -2.62
C ASN C 183 -2.03 -9.15 -1.97
N VAL C 184 -3.07 -9.17 -2.81
CA VAL C 184 -4.44 -9.12 -2.31
C VAL C 184 -4.85 -10.49 -1.75
N ILE C 185 -4.61 -11.56 -2.52
CA ILE C 185 -4.97 -12.90 -2.06
C ILE C 185 -4.25 -13.22 -0.75
N ARG C 186 -2.99 -12.78 -0.65
CA ARG C 186 -2.18 -13.02 0.54
C ARG C 186 -2.84 -12.49 1.80
N GLN C 187 -3.72 -11.49 1.65
CA GLN C 187 -4.41 -10.89 2.79
C GLN C 187 -5.33 -11.90 3.46
N GLY C 188 -5.78 -12.88 2.68
CA GLY C 188 -6.70 -13.87 3.19
C GLY C 188 -8.09 -13.49 2.70
N ARG C 189 -9.04 -14.40 2.82
CA ARG C 189 -10.42 -14.15 2.39
C ARG C 189 -11.02 -12.92 3.08
N GLY C 190 -11.74 -12.10 2.31
CA GLY C 190 -12.38 -10.93 2.87
C GLY C 190 -11.60 -9.63 3.10
N VAL C 191 -10.33 -9.61 2.72
CA VAL C 191 -9.53 -8.39 2.90
C VAL C 191 -8.97 -7.93 1.57
N PRO C 192 -9.09 -6.62 1.27
CA PRO C 192 -9.74 -5.58 2.09
C PRO C 192 -11.27 -5.61 2.08
N ALA C 193 -11.87 -4.86 2.99
CA ALA C 193 -13.33 -4.80 3.14
C ALA C 193 -14.11 -4.22 1.96
N VAL C 194 -13.42 -3.51 1.07
CA VAL C 194 -14.11 -2.92 -0.09
C VAL C 194 -14.13 -3.86 -1.29
N PRO C 195 -15.33 -4.11 -1.86
CA PRO C 195 -15.38 -5.00 -3.02
C PRO C 195 -14.52 -4.39 -4.13
N LEU C 196 -13.82 -5.23 -4.89
CA LEU C 196 -12.98 -4.71 -5.95
C LEU C 196 -12.97 -5.60 -7.19
N VAL C 197 -12.57 -5.00 -8.30
CA VAL C 197 -12.43 -5.71 -9.55
C VAL C 197 -11.01 -5.37 -10.02
N LEU C 198 -10.14 -6.37 -10.06
CA LEU C 198 -8.76 -6.15 -10.49
C LEU C 198 -8.71 -6.58 -11.95
N ILE C 199 -8.16 -5.72 -12.80
CA ILE C 199 -8.08 -6.01 -14.23
C ILE C 199 -6.65 -5.92 -14.71
N GLY C 200 -6.18 -6.97 -15.39
CA GLY C 200 -4.83 -6.96 -15.93
C GLY C 200 -4.96 -6.82 -17.43
N ILE C 201 -4.27 -5.84 -18.00
CA ILE C 201 -4.35 -5.59 -19.44
C ILE C 201 -3.02 -5.75 -20.18
N ALA C 202 -3.10 -5.83 -21.50
CA ALA C 202 -1.93 -5.97 -22.38
C ALA C 202 -2.27 -5.37 -23.76
N PRO C 203 -1.26 -5.09 -24.58
CA PRO C 203 -1.45 -4.51 -25.92
C PRO C 203 -2.37 -5.32 -26.82
N MET D 1 15.57 10.73 20.43
CA MET D 1 14.21 11.11 19.99
C MET D 1 13.20 10.49 20.96
N ARG D 2 11.96 10.94 20.92
CA ARG D 2 10.98 10.40 21.85
C ARG D 2 9.79 9.69 21.22
N ILE D 3 9.31 8.70 21.94
CA ILE D 3 8.15 7.93 21.53
C ILE D 3 6.94 8.67 22.05
N VAL D 4 6.09 9.12 21.15
CA VAL D 4 4.91 9.87 21.55
C VAL D 4 3.67 8.98 21.62
N GLU D 5 3.53 8.07 20.67
CA GLU D 5 2.37 7.18 20.65
C GLU D 5 2.78 5.77 20.26
N VAL D 6 2.08 4.78 20.81
CA VAL D 6 2.35 3.38 20.50
C VAL D 6 1.02 2.67 20.29
N TYR D 7 0.92 1.91 19.21
CA TYR D 7 -0.29 1.16 18.92
C TYR D 7 0.03 -0.32 18.75
N SER D 8 -0.56 -1.16 19.58
CA SER D 8 -0.35 -2.60 19.51
C SER D 8 -1.46 -3.17 18.63
N HIS D 9 -1.10 -3.69 17.47
CA HIS D 9 -2.07 -4.26 16.57
C HIS D 9 -2.08 -5.77 16.68
N LEU D 10 -3.24 -6.33 17.03
CA LEU D 10 -3.37 -7.77 17.22
C LEU D 10 -2.46 -8.20 18.37
N ASN D 11 -2.30 -7.31 19.34
CA ASN D 11 -1.47 -7.57 20.51
C ASN D 11 -0.04 -7.94 20.13
N GLY D 12 0.47 -7.30 19.09
CA GLY D 12 1.82 -7.57 18.65
C GLY D 12 2.85 -7.13 19.69
N LEU D 13 2.58 -6.02 20.38
CA LEU D 13 3.53 -5.54 21.39
C LEU D 13 3.57 -6.53 22.54
N GLU D 14 2.41 -6.97 22.98
CA GLU D 14 2.35 -7.94 24.08
C GLU D 14 3.08 -9.21 23.69
N TYR D 15 2.97 -9.60 22.43
CA TYR D 15 3.65 -10.81 21.95
C TYR D 15 5.16 -10.63 22.15
N ILE D 16 5.66 -9.45 21.81
CA ILE D 16 7.09 -9.19 21.96
C ILE D 16 7.46 -9.14 23.45
N GLN D 17 6.61 -8.51 24.25
CA GLN D 17 6.89 -8.40 25.68
C GLN D 17 6.98 -9.74 26.37
N VAL D 18 6.25 -10.72 25.85
CA VAL D 18 6.26 -12.06 26.42
C VAL D 18 7.37 -12.95 25.89
N HIS D 19 7.49 -13.03 24.57
CA HIS D 19 8.49 -13.89 23.95
C HIS D 19 9.85 -13.28 23.62
N LEU D 20 9.89 -11.98 23.35
CA LEU D 20 11.15 -11.32 23.00
C LEU D 20 11.31 -9.98 23.72
N PRO D 21 11.19 -9.97 25.06
CA PRO D 21 11.32 -8.72 25.82
C PRO D 21 12.53 -7.86 25.51
N HIS D 22 13.66 -8.50 25.20
CA HIS D 22 14.88 -7.76 24.90
C HIS D 22 14.73 -6.89 23.65
N ILE D 23 13.85 -7.31 22.76
CA ILE D 23 13.62 -6.56 21.52
C ILE D 23 12.91 -5.22 21.78
N TRP D 24 11.91 -5.22 22.67
CA TRP D 24 11.18 -4.00 22.97
C TRP D 24 12.07 -3.02 23.74
N GLU D 25 12.94 -3.54 24.59
CA GLU D 25 13.85 -2.68 25.35
C GLU D 25 14.83 -2.03 24.37
N GLU D 26 15.38 -2.84 23.48
CA GLU D 26 16.34 -2.37 22.48
C GLU D 26 15.74 -1.33 21.53
N ILE D 27 14.49 -1.55 21.11
CA ILE D 27 13.84 -0.60 20.22
C ILE D 27 13.70 0.76 20.89
N GLN D 28 13.29 0.75 22.16
CA GLN D 28 13.11 1.98 22.91
C GLN D 28 14.45 2.69 23.08
N GLU D 29 15.48 1.93 23.43
CA GLU D 29 16.81 2.48 23.64
C GLU D 29 17.31 3.17 22.37
N ILE D 30 17.15 2.50 21.24
CA ILE D 30 17.60 3.07 19.97
C ILE D 30 16.92 4.39 19.64
N ILE D 31 15.60 4.44 19.81
CA ILE D 31 14.86 5.67 19.52
C ILE D 31 15.36 6.80 20.43
N VAL D 32 15.53 6.49 21.71
CA VAL D 32 16.01 7.48 22.66
C VAL D 32 17.42 7.97 22.31
N SER D 33 18.27 7.07 21.83
CA SER D 33 19.65 7.40 21.50
C SER D 33 19.85 8.21 20.24
N ILE D 34 18.79 8.42 19.46
CA ILE D 34 18.93 9.18 18.23
C ILE D 34 18.72 10.66 18.45
N ASP D 35 19.65 11.46 17.94
CA ASP D 35 19.57 12.91 18.08
C ASP D 35 19.03 13.55 16.80
N ALA D 36 17.75 13.90 16.83
CA ALA D 36 17.08 14.51 15.68
C ALA D 36 17.78 15.79 15.23
N GLU D 37 18.40 16.51 16.17
CA GLU D 37 19.10 17.75 15.87
C GLU D 37 20.23 17.57 14.87
N ALA D 38 20.84 16.38 14.87
CA ALA D 38 21.95 16.09 13.96
C ALA D 38 21.42 15.60 12.60
N CYS D 39 20.09 15.67 12.43
CA CYS D 39 19.46 15.24 11.19
C CYS D 39 18.68 16.38 10.56
N ARG D 40 19.08 17.62 10.86
CA ARG D 40 18.39 18.78 10.29
C ARG D 40 18.99 19.18 8.95
N THR D 41 18.23 19.96 8.18
CA THR D 41 18.70 20.36 6.86
C THR D 41 18.28 21.78 6.48
N LYS D 42 19.08 22.39 5.62
CA LYS D 42 18.81 23.74 5.14
C LYS D 42 18.02 23.64 3.82
N GLU D 43 16.70 23.66 3.96
CA GLU D 43 15.79 23.58 2.82
C GLU D 43 14.46 24.13 3.31
N SER D 44 13.74 24.84 2.44
CA SER D 44 12.46 25.41 2.84
C SER D 44 11.28 24.65 2.26
N LYS D 45 10.10 24.95 2.79
CA LYS D 45 8.86 24.32 2.35
C LYS D 45 7.96 25.40 1.75
N GLU D 46 6.84 24.99 1.18
CA GLU D 46 5.90 25.93 0.58
C GLU D 46 5.24 26.79 1.65
N LEU D 54 13.97 22.47 9.66
CA LEU D 54 13.48 21.23 9.06
C LEU D 54 14.37 20.03 9.35
N TYR D 55 13.80 18.84 9.21
CA TYR D 55 14.52 17.60 9.43
C TYR D 55 14.58 16.80 8.13
N SER D 56 15.71 16.16 7.88
CA SER D 56 15.91 15.38 6.66
C SER D 56 15.57 13.90 6.77
N PRO D 57 14.76 13.39 5.83
CA PRO D 57 14.36 11.97 5.83
C PRO D 57 15.60 11.08 5.68
N VAL D 58 16.48 11.46 4.76
CA VAL D 58 17.70 10.69 4.53
C VAL D 58 18.55 10.61 5.80
N ALA D 59 18.75 11.75 6.46
CA ALA D 59 19.54 11.79 7.68
C ALA D 59 18.90 10.97 8.81
N LEU D 60 17.59 11.07 8.97
CA LEU D 60 16.90 10.32 10.01
C LEU D 60 17.03 8.83 9.71
N ASN D 61 16.89 8.47 8.44
CA ASN D 61 17.01 7.06 8.03
C ASN D 61 18.40 6.53 8.33
N GLU D 62 19.42 7.29 7.94
CA GLU D 62 20.80 6.87 8.16
C GLU D 62 21.09 6.77 9.67
N ALA D 63 20.49 7.67 10.45
CA ALA D 63 20.68 7.64 11.89
C ALA D 63 20.18 6.31 12.45
N PHE D 64 18.94 5.95 12.14
CA PHE D 64 18.38 4.69 12.61
C PHE D 64 19.16 3.49 12.08
N LYS D 65 19.52 3.54 10.80
CA LYS D 65 20.27 2.45 10.16
C LYS D 65 21.54 2.13 10.95
N GLU D 66 22.29 3.17 11.31
CA GLU D 66 23.53 3.00 12.05
C GLU D 66 23.29 2.28 13.38
N LYS D 67 22.34 2.80 14.14
CA LYS D 67 21.99 2.22 15.44
C LYS D 67 21.51 0.78 15.34
N LEU D 68 20.55 0.53 14.45
CA LEU D 68 19.98 -0.81 14.28
C LEU D 68 20.99 -1.87 13.87
N GLU D 69 21.78 -1.56 12.84
CA GLU D 69 22.78 -2.50 12.34
C GLU D 69 23.83 -2.77 13.40
N ALA D 70 24.16 -1.76 14.21
CA ALA D 70 25.14 -1.94 15.28
C ALA D 70 24.59 -2.90 16.32
N LYS D 71 23.27 -2.97 16.45
CA LYS D 71 22.65 -3.86 17.42
C LYS D 71 22.29 -5.23 16.85
N GLY D 72 22.76 -5.51 15.65
CA GLY D 72 22.49 -6.82 15.07
C GLY D 72 21.34 -6.93 14.07
N TRP D 73 20.62 -5.85 13.82
CA TRP D 73 19.52 -5.90 12.86
C TRP D 73 20.13 -5.97 11.46
N LYS D 74 19.71 -6.96 10.68
CA LYS D 74 20.23 -7.16 9.32
C LYS D 74 19.14 -7.30 8.27
N GLU D 75 19.48 -6.99 7.01
CA GLU D 75 18.51 -7.09 5.94
C GLU D 75 18.13 -8.55 5.66
N SER D 76 16.87 -8.74 5.27
CA SER D 76 16.36 -10.07 4.97
C SER D 76 15.52 -10.03 3.71
N ARG D 77 15.33 -11.18 3.09
CA ARG D 77 14.56 -11.26 1.87
C ARG D 77 13.76 -12.54 1.77
N THR D 78 12.49 -12.41 1.39
CA THR D 78 11.63 -13.57 1.24
C THR D 78 11.20 -13.66 -0.22
N ASN D 79 11.42 -14.83 -0.78
CA ASN D 79 11.09 -15.09 -2.18
C ASN D 79 9.79 -15.86 -2.28
N TYR D 80 9.11 -15.69 -3.40
CA TYR D 80 7.86 -16.39 -3.65
C TYR D 80 7.50 -16.27 -5.12
N TYR D 81 6.73 -17.22 -5.60
CA TYR D 81 6.34 -17.20 -7.01
C TYR D 81 4.88 -16.77 -7.15
N VAL D 82 4.63 -15.76 -7.98
CA VAL D 82 3.26 -15.32 -8.18
C VAL D 82 2.74 -15.92 -9.48
N THR D 83 1.44 -15.80 -9.70
CA THR D 83 0.81 -16.34 -10.89
C THR D 83 -0.55 -15.66 -11.03
N ALA D 84 -1.17 -15.81 -12.19
CA ALA D 84 -2.48 -15.20 -12.46
C ALA D 84 -3.67 -15.95 -11.87
N ASP D 85 -3.53 -17.25 -11.66
CA ASP D 85 -4.62 -18.06 -11.13
C ASP D 85 -4.79 -17.98 -9.61
N PRO D 86 -5.92 -17.40 -9.15
CA PRO D 86 -6.22 -17.23 -7.72
C PRO D 86 -6.18 -18.54 -6.93
N LYS D 87 -6.75 -19.60 -7.48
CA LYS D 87 -6.76 -20.89 -6.81
C LYS D 87 -5.35 -21.38 -6.49
N LEU D 88 -4.44 -21.25 -7.47
CA LEU D 88 -3.06 -21.69 -7.28
C LEU D 88 -2.32 -20.83 -6.26
N ILE D 89 -2.70 -19.56 -6.16
CA ILE D 89 -2.06 -18.66 -5.20
C ILE D 89 -2.39 -19.14 -3.80
N ARG D 90 -3.67 -19.38 -3.54
CA ARG D 90 -4.10 -19.83 -2.22
C ARG D 90 -3.48 -21.18 -1.85
N GLU D 91 -3.17 -21.98 -2.86
CA GLU D 91 -2.58 -23.30 -2.61
C GLU D 91 -1.09 -23.26 -2.32
N THR D 92 -0.41 -22.24 -2.85
CA THR D 92 1.04 -22.12 -2.68
C THR D 92 1.53 -21.01 -1.76
N LEU D 93 0.61 -20.22 -1.20
CA LEU D 93 0.99 -19.12 -0.31
C LEU D 93 1.94 -19.49 0.82
N SER D 94 1.66 -20.60 1.50
CA SER D 94 2.47 -21.04 2.63
C SER D 94 3.65 -21.95 2.31
N LEU D 95 3.79 -22.34 1.05
CA LEU D 95 4.87 -23.23 0.65
C LEU D 95 6.16 -22.45 0.42
N GLU D 96 7.26 -23.19 0.30
CA GLU D 96 8.56 -22.58 0.05
C GLU D 96 8.71 -22.27 -1.43
N PRO D 97 9.55 -21.29 -1.78
CA PRO D 97 9.84 -20.83 -3.15
C PRO D 97 9.87 -21.89 -4.26
N GLU D 98 10.82 -22.82 -4.18
CA GLU D 98 10.93 -23.87 -5.20
C GLU D 98 9.68 -24.74 -5.31
N GLU D 99 8.99 -24.94 -4.20
CA GLU D 99 7.79 -25.74 -4.19
C GLU D 99 6.61 -25.01 -4.83
N GLN D 100 6.58 -23.68 -4.68
CA GLN D 100 5.50 -22.88 -5.26
C GLN D 100 5.64 -22.97 -6.78
N LYS D 101 6.87 -22.77 -7.25
CA LYS D 101 7.16 -22.83 -8.67
C LYS D 101 6.72 -24.18 -9.21
N LYS D 102 7.17 -25.24 -8.56
CA LYS D 102 6.82 -26.61 -8.93
C LYS D 102 5.31 -26.80 -9.10
N VAL D 103 4.55 -26.44 -8.08
CA VAL D 103 3.11 -26.60 -8.10
C VAL D 103 2.41 -25.80 -9.20
N ILE D 104 2.81 -24.54 -9.34
CA ILE D 104 2.22 -23.65 -10.34
C ILE D 104 2.48 -24.11 -11.77
N GLU D 105 3.74 -24.44 -12.07
CA GLU D 105 4.11 -24.87 -13.42
C GLU D 105 3.55 -26.26 -13.74
N ALA D 106 3.28 -27.06 -12.72
CA ALA D 106 2.74 -28.40 -12.94
C ALA D 106 1.29 -28.27 -13.37
N ALA D 107 0.64 -27.17 -12.97
CA ALA D 107 -0.76 -26.94 -13.32
C ALA D 107 -0.84 -26.27 -14.70
N GLY D 108 0.30 -26.20 -15.38
CA GLY D 108 0.37 -25.61 -16.70
C GLY D 108 0.29 -24.10 -16.71
N LYS D 109 0.58 -23.48 -15.58
CA LYS D 109 0.52 -22.02 -15.47
C LYS D 109 1.93 -21.42 -15.39
N GLU D 110 2.04 -20.16 -15.77
CA GLU D 110 3.32 -19.47 -15.72
C GLU D 110 3.59 -19.02 -14.29
N ALA D 111 4.80 -19.26 -13.81
CA ALA D 111 5.21 -18.88 -12.46
C ALA D 111 6.16 -17.68 -12.56
N LEU D 112 5.83 -16.61 -11.86
CA LEU D 112 6.66 -15.40 -11.91
C LEU D 112 7.40 -15.15 -10.61
N LYS D 113 8.73 -15.09 -10.70
CA LYS D 113 9.55 -14.87 -9.52
C LYS D 113 9.41 -13.47 -8.96
N SER D 114 9.19 -13.38 -7.66
CA SER D 114 9.08 -12.09 -6.98
C SER D 114 9.64 -12.24 -5.57
N TYR D 115 9.63 -11.15 -4.82
CA TYR D 115 10.14 -11.18 -3.46
C TYR D 115 9.94 -9.83 -2.79
N ASN D 116 10.19 -9.78 -1.49
CA ASN D 116 10.13 -8.55 -0.75
C ASN D 116 11.42 -8.53 0.05
N GLN D 117 11.97 -7.34 0.25
CA GLN D 117 13.22 -7.18 0.97
C GLN D 117 13.11 -6.02 1.95
N THR D 118 13.63 -6.23 3.16
CA THR D 118 13.57 -5.19 4.17
C THR D 118 14.93 -5.09 4.89
N ASP D 119 15.30 -3.88 5.28
CA ASP D 119 16.58 -3.61 5.93
C ASP D 119 16.83 -4.15 7.35
N PHE D 120 15.79 -4.20 8.18
CA PHE D 120 16.01 -4.61 9.55
C PHE D 120 15.18 -5.75 10.11
N VAL D 121 15.81 -6.90 10.26
CA VAL D 121 15.15 -8.08 10.80
C VAL D 121 16.05 -8.71 11.86
N LYS D 122 15.45 -9.15 12.96
CA LYS D 122 16.20 -9.79 14.03
C LYS D 122 15.25 -10.55 14.93
N ASP D 123 15.64 -11.77 15.31
CA ASP D 123 14.84 -12.62 16.18
C ASP D 123 13.37 -12.71 15.76
N ARG D 124 13.15 -12.91 14.47
CA ARG D 124 11.81 -13.03 13.88
C ARG D 124 10.95 -11.77 14.03
N VAL D 125 11.59 -10.62 14.06
CA VAL D 125 10.90 -9.35 14.15
C VAL D 125 11.41 -8.45 13.04
N ALA D 126 10.50 -7.77 12.34
CA ALA D 126 10.91 -6.88 11.27
C ALA D 126 10.58 -5.44 11.67
N ILE D 127 11.52 -4.54 11.45
CA ILE D 127 11.33 -3.13 11.76
C ILE D 127 11.48 -2.29 10.49
N GLU D 128 10.41 -1.59 10.12
CA GLU D 128 10.45 -0.73 8.95
C GLU D 128 10.51 0.70 9.49
N VAL D 129 11.60 1.39 9.18
CA VAL D 129 11.74 2.80 9.59
C VAL D 129 11.15 3.51 8.38
N GLN D 130 10.18 4.38 8.58
CA GLN D 130 9.57 5.02 7.43
C GLN D 130 9.38 6.54 7.48
N PHE D 131 10.24 7.23 6.74
CA PHE D 131 10.18 8.68 6.62
C PHE D 131 10.08 8.98 5.13
N GLY D 132 9.12 8.34 4.46
CA GLY D 132 8.96 8.56 3.03
C GLY D 132 7.63 9.13 2.58
N LYS D 133 7.39 9.08 1.27
CA LYS D 133 6.17 9.58 0.66
C LYS D 133 4.96 8.83 1.19
N TYR D 134 3.77 9.40 0.95
CA TYR D 134 2.51 8.86 1.42
C TYR D 134 2.12 7.40 1.16
N SER D 135 2.62 6.80 0.09
CA SER D 135 2.22 5.42 -0.22
C SER D 135 3.08 4.31 0.39
N PHE D 136 4.24 4.68 0.93
CA PHE D 136 5.17 3.70 1.49
C PHE D 136 4.71 2.93 2.73
N VAL D 137 3.99 3.59 3.64
CA VAL D 137 3.54 2.91 4.84
C VAL D 137 2.53 1.82 4.50
N ALA D 138 1.56 2.14 3.62
CA ALA D 138 0.56 1.15 3.22
C ALA D 138 1.26 -0.08 2.65
N TYR D 139 2.27 0.16 1.81
CA TYR D 139 3.00 -0.94 1.20
C TYR D 139 3.73 -1.74 2.29
N ASP D 140 4.34 -1.04 3.24
CA ASP D 140 5.06 -1.69 4.33
C ASP D 140 4.16 -2.65 5.11
N LEU D 141 3.01 -2.12 5.54
CA LEU D 141 2.06 -2.88 6.33
C LEU D 141 1.32 -3.99 5.62
N PHE D 142 0.68 -3.67 4.49
CA PHE D 142 -0.09 -4.68 3.78
C PHE D 142 0.68 -5.58 2.83
N VAL D 143 1.91 -5.21 2.48
CA VAL D 143 2.69 -6.06 1.58
C VAL D 143 3.98 -6.59 2.18
N LYS D 144 4.92 -5.71 2.53
CA LYS D 144 6.20 -6.16 3.07
C LYS D 144 6.06 -6.99 4.35
N HIS D 145 5.48 -6.41 5.40
CA HIS D 145 5.32 -7.15 6.64
C HIS D 145 4.53 -8.44 6.45
N MET D 146 3.48 -8.39 5.64
CA MET D 146 2.64 -9.57 5.39
C MET D 146 3.41 -10.69 4.68
N ALA D 147 4.32 -10.31 3.78
CA ALA D 147 5.11 -11.28 3.03
C ALA D 147 6.02 -12.07 3.97
N PHE D 148 6.71 -11.38 4.87
CA PHE D 148 7.58 -12.07 5.81
C PHE D 148 6.76 -12.88 6.80
N TYR D 149 5.60 -12.34 7.20
CA TYR D 149 4.75 -13.04 8.14
C TYR D 149 4.18 -14.34 7.54
N VAL D 150 3.64 -14.24 6.33
CA VAL D 150 3.06 -15.41 5.67
C VAL D 150 4.12 -16.46 5.32
N SER D 151 5.33 -16.00 5.02
CA SER D 151 6.42 -16.92 4.71
C SER D 151 7.08 -17.44 5.98
N ASP D 152 6.44 -17.16 7.12
CA ASP D 152 6.95 -17.61 8.42
C ASP D 152 8.36 -17.15 8.76
N LYS D 153 8.67 -15.89 8.46
CA LYS D 153 10.00 -15.35 8.77
C LYS D 153 9.96 -14.43 9.99
N ILE D 154 8.80 -13.81 10.24
CA ILE D 154 8.65 -12.94 11.40
C ILE D 154 7.31 -13.24 12.06
N ASP D 155 7.18 -12.90 13.35
CA ASP D 155 5.95 -13.14 14.09
C ASP D 155 5.23 -11.83 14.37
N VAL D 156 5.96 -10.73 14.25
CA VAL D 156 5.40 -9.41 14.47
C VAL D 156 6.21 -8.34 13.72
N GLY D 157 5.51 -7.33 13.20
CA GLY D 157 6.18 -6.29 12.47
C GLY D 157 6.14 -4.98 13.23
N VAL D 158 7.16 -4.16 13.06
CA VAL D 158 7.24 -2.88 13.74
C VAL D 158 7.39 -1.77 12.70
N GLU D 159 6.64 -0.68 12.88
CA GLU D 159 6.68 0.45 11.95
C GLU D 159 6.99 1.72 12.73
N ILE D 160 8.13 2.35 12.42
CA ILE D 160 8.53 3.58 13.09
C ILE D 160 8.15 4.73 12.18
N LEU D 161 7.32 5.63 12.67
CA LEU D 161 6.82 6.76 11.89
C LEU D 161 6.88 8.07 12.67
N PRO D 162 6.94 9.20 11.96
CA PRO D 162 6.99 10.48 12.66
C PRO D 162 5.57 10.92 13.03
N MET D 163 5.43 11.57 14.17
CA MET D 163 4.13 12.09 14.58
C MET D 163 3.90 13.27 13.63
N LYS D 164 2.66 13.73 13.54
CA LYS D 164 2.35 14.85 12.67
C LYS D 164 3.20 16.08 13.03
N GLU D 165 3.48 16.25 14.32
CA GLU D 165 4.27 17.39 14.77
C GLU D 165 5.70 17.38 14.22
N LEU D 166 6.16 16.23 13.74
CA LEU D 166 7.49 16.13 13.16
C LEU D 166 7.41 16.23 11.64
N SER D 167 6.41 15.58 11.04
CA SER D 167 6.26 15.62 9.60
C SER D 167 6.01 17.04 9.11
N LYS D 168 5.35 17.86 9.92
CA LYS D 168 5.09 19.24 9.52
C LYS D 168 6.40 20.01 9.42
N GLU D 169 7.44 19.49 10.05
CA GLU D 169 8.77 20.12 10.02
C GLU D 169 9.69 19.38 9.06
N MET D 170 9.09 18.71 8.08
CA MET D 170 9.85 17.95 7.07
C MET D 170 9.28 18.27 5.70
N SER D 171 9.98 17.85 4.64
CA SER D 171 9.53 18.10 3.28
C SER D 171 8.12 17.55 3.09
N SER D 172 7.35 18.21 2.23
CA SER D 172 5.96 17.83 1.95
C SER D 172 5.78 16.38 1.51
N GLY D 173 4.60 15.84 1.78
CA GLY D 173 4.28 14.48 1.37
C GLY D 173 4.68 13.34 2.29
N ILE D 174 5.31 13.64 3.42
CA ILE D 174 5.73 12.58 4.33
C ILE D 174 4.57 12.14 5.23
N SER D 175 4.28 10.84 5.22
CA SER D 175 3.19 10.29 6.01
C SER D 175 3.50 10.39 7.52
N TYR D 176 2.45 10.49 8.32
CA TYR D 176 2.59 10.62 9.76
C TYR D 176 1.74 9.63 10.54
N TYR D 177 2.18 9.34 11.75
CA TYR D 177 1.52 8.39 12.63
C TYR D 177 -0.01 8.47 12.69
N GLU D 178 -0.55 9.64 13.05
CA GLU D 178 -2.00 9.79 13.15
C GLU D 178 -2.73 9.36 11.88
N GLY D 179 -2.14 9.67 10.72
CA GLY D 179 -2.77 9.31 9.46
C GLY D 179 -2.69 7.82 9.13
N GLU D 180 -1.54 7.20 9.41
CA GLU D 180 -1.39 5.78 9.10
C GLU D 180 -2.13 4.90 10.10
N LEU D 181 -2.24 5.36 11.34
CA LEU D 181 -2.98 4.62 12.35
C LEU D 181 -4.42 4.56 11.82
N TYR D 182 -4.90 5.72 11.36
CA TYR D 182 -6.26 5.84 10.83
C TYR D 182 -6.46 4.85 9.68
N ASN D 183 -5.49 4.77 8.78
CA ASN D 183 -5.59 3.86 7.63
C ASN D 183 -5.70 2.40 8.05
N VAL D 184 -5.04 2.03 9.15
CA VAL D 184 -5.09 0.67 9.63
C VAL D 184 -6.43 0.38 10.29
N ILE D 185 -6.81 1.23 11.25
CA ILE D 185 -8.07 1.06 11.96
C ILE D 185 -9.26 1.09 11.01
N ARG D 186 -9.16 1.89 9.94
CA ARG D 186 -10.25 1.99 8.97
C ARG D 186 -10.52 0.64 8.30
N GLN D 187 -9.52 -0.23 8.29
CA GLN D 187 -9.66 -1.55 7.67
C GLN D 187 -10.68 -2.38 8.43
N GLY D 188 -10.71 -2.17 9.75
CA GLY D 188 -11.59 -2.93 10.62
C GLY D 188 -10.71 -3.79 11.51
N ARG D 189 -11.28 -4.33 12.59
CA ARG D 189 -10.52 -5.17 13.52
C ARG D 189 -9.89 -6.38 12.84
N GLY D 190 -8.66 -6.69 13.23
CA GLY D 190 -7.97 -7.85 12.69
C GLY D 190 -7.36 -7.76 11.31
N VAL D 191 -7.23 -6.56 10.76
CA VAL D 191 -6.65 -6.39 9.44
C VAL D 191 -5.63 -5.26 9.47
N PRO D 192 -4.42 -5.49 8.92
CA PRO D 192 -3.96 -6.73 8.29
C PRO D 192 -3.73 -7.87 9.28
N ALA D 193 -3.56 -9.08 8.74
CA ALA D 193 -3.36 -10.29 9.52
C ALA D 193 -2.06 -10.42 10.32
N VAL D 194 -1.06 -9.60 10.00
CA VAL D 194 0.19 -9.68 10.72
C VAL D 194 0.17 -8.79 11.97
N PRO D 195 0.59 -9.32 13.12
CA PRO D 195 0.59 -8.52 14.35
C PRO D 195 1.57 -7.36 14.15
N LEU D 196 1.21 -6.17 14.63
CA LEU D 196 2.09 -5.02 14.43
C LEU D 196 2.19 -4.09 15.63
N VAL D 197 3.28 -3.33 15.64
CA VAL D 197 3.49 -2.31 16.66
C VAL D 197 3.79 -1.05 15.85
N LEU D 198 2.89 -0.08 15.89
CA LEU D 198 3.09 1.18 15.18
C LEU D 198 3.65 2.15 16.22
N ILE D 199 4.74 2.82 15.89
CA ILE D 199 5.36 3.75 16.84
C ILE D 199 5.53 5.14 16.23
N GLY D 200 4.94 6.14 16.88
CA GLY D 200 5.05 7.51 16.40
C GLY D 200 6.09 8.25 17.21
N ILE D 201 7.02 8.91 16.53
CA ILE D 201 8.10 9.61 17.22
C ILE D 201 8.20 11.11 16.89
N ALA D 202 8.96 11.82 17.72
CA ALA D 202 9.18 13.25 17.57
C ALA D 202 10.60 13.53 18.08
N PRO D 203 11.17 14.69 17.73
CA PRO D 203 12.53 15.03 18.17
C PRO D 203 12.66 15.17 19.69
#